data_4A07
#
_entry.id   4A07
#
_cell.length_a   148.210
_cell.length_b   44.030
_cell.length_c   47.670
_cell.angle_alpha   90.00
_cell.angle_beta   101.23
_cell.angle_gamma   90.00
#
_symmetry.space_group_name_H-M   'C 1 2 1'
#
loop_
_entity.id
_entity.type
_entity.pdbx_description
1 polymer '3-PHOSPHOINOSITIDE-DEPENDENT PROTEIN KINASE 1'
2 non-polymer "ADENOSINE-5'-TRIPHOSPHATE"
3 non-polymer '(3S)-3-(4-CHLOROPHENYL)-4-(5,7-DICHLORO-1H-BENZIMIDAZOL-2-YL)BUTANOIC ACID'
4 non-polymer 'MAGNESIUM ION'
5 non-polymer 'CHLORIDE ION'
6 water water
#
_entity_poly.entity_id   1
_entity_poly.type   'polypeptide(L)'
_entity_poly.pdbx_seq_one_letter_code
;GAMDGTAAEPRPGAGSLQHAQPPPQPRKKRPEDFKFGKILGEGSFSTVVLARELATSREYAIKILEKRHIIKENKVPYVT
RERDVMSRLDHPFFVKLYFTFQDDEKLYFGLSYAKNGELLKYIRKIGSFDETCTRFYTAEIVSALEYLHGKGIIHRDLKP
ENILLNEDMHIQITDFGTAKVLSPESKQARAN(SEP)FVGTAQYVSPELLTEKSA(CSS)KSSDLWALGCIIYQLVAGLP
PFRAGNEGLIFAKIIKLEYDFPEKFFPKARDLVEKLLVLDATKRLGCEEMEGYGPLKAHPFFESVTWENLHQQTPPKLT
;
_entity_poly.pdbx_strand_id   A
#
# COMPACT_ATOMS: atom_id res chain seq x y z
C ARG A 27 -8.56 -12.09 -25.72
N LYS A 28 -7.47 -11.59 -26.30
CA LYS A 28 -6.97 -10.27 -25.99
C LYS A 28 -8.09 -9.23 -26.16
N LYS A 29 -8.25 -8.37 -25.15
CA LYS A 29 -9.32 -7.39 -25.16
C LYS A 29 -8.89 -6.13 -25.91
N ARG A 30 -9.87 -5.34 -26.34
CA ARG A 30 -9.60 -4.09 -27.06
C ARG A 30 -10.39 -2.95 -26.41
N PRO A 31 -9.99 -1.71 -26.67
CA PRO A 31 -10.69 -0.56 -26.08
C PRO A 31 -12.19 -0.57 -26.40
N GLU A 32 -12.55 -0.95 -27.61
CA GLU A 32 -13.96 -0.92 -28.03
CA GLU A 32 -13.95 -0.94 -28.05
C GLU A 32 -14.76 -2.04 -27.35
N ASP A 33 -14.08 -2.89 -26.59
CA ASP A 33 -14.77 -3.92 -25.81
C ASP A 33 -15.40 -3.34 -24.55
N PHE A 34 -15.13 -2.06 -24.28
CA PHE A 34 -15.61 -1.41 -23.07
C PHE A 34 -16.37 -0.12 -23.35
N LYS A 35 -17.29 0.20 -22.45
CA LYS A 35 -17.85 1.52 -22.34
C LYS A 35 -17.20 2.19 -21.12
N PHE A 36 -16.59 3.34 -21.33
CA PHE A 36 -15.92 4.03 -20.23
CA PHE A 36 -15.91 4.07 -20.24
C PHE A 36 -16.87 5.02 -19.55
N GLY A 37 -16.73 5.13 -18.24
CA GLY A 37 -17.52 6.05 -17.44
C GLY A 37 -16.63 7.14 -16.86
N LYS A 38 -16.86 7.48 -15.60
CA LYS A 38 -16.15 8.61 -14.99
C LYS A 38 -14.67 8.30 -14.76
N ILE A 39 -13.86 9.35 -14.78
CA ILE A 39 -12.47 9.25 -14.39
C ILE A 39 -12.42 9.06 -12.87
N LEU A 40 -11.77 8.00 -12.41
CA LEU A 40 -11.63 7.71 -10.99
C LEU A 40 -10.47 8.48 -10.37
N GLY A 41 -9.43 8.74 -11.15
CA GLY A 41 -8.31 9.54 -10.67
C GLY A 41 -7.26 9.73 -11.74
N GLU A 42 -6.36 10.69 -11.52
CA GLU A 42 -5.29 10.96 -12.47
C GLU A 42 -3.95 10.97 -11.76
N GLY A 43 -2.99 10.22 -12.30
CA GLY A 43 -1.61 10.27 -11.83
C GLY A 43 -0.80 11.18 -12.72
N SER A 44 0.48 11.33 -12.40
CA SER A 44 1.35 12.22 -13.15
C SER A 44 1.58 11.69 -14.57
N PHE A 45 1.50 10.38 -14.75
CA PHE A 45 1.64 9.79 -16.07
C PHE A 45 0.62 8.68 -16.34
N SER A 46 -0.55 8.79 -15.70
CA SER A 46 -1.61 7.80 -15.90
C SER A 46 -2.98 8.39 -15.63
N THR A 47 -4.01 7.71 -16.13
CA THR A 47 -5.40 8.08 -15.85
C THR A 47 -6.19 6.79 -15.58
N VAL A 48 -6.87 6.71 -14.44
CA VAL A 48 -7.71 5.56 -14.11
C VAL A 48 -9.18 5.90 -14.35
N VAL A 49 -9.83 5.09 -15.19
CA VAL A 49 -11.22 5.36 -15.58
C VAL A 49 -12.08 4.16 -15.21
N LEU A 50 -13.31 4.40 -14.80
CA LEU A 50 -14.25 3.32 -14.53
C LEU A 50 -14.75 2.80 -15.89
N ALA A 51 -14.90 1.49 -16.02
CA ALA A 51 -15.27 0.92 -17.30
C ALA A 51 -16.18 -0.27 -17.10
N ARG A 52 -17.05 -0.50 -18.06
CA ARG A 52 -17.89 -1.69 -18.06
C ARG A 52 -17.59 -2.47 -19.32
N GLU A 53 -17.28 -3.75 -19.17
CA GLU A 53 -17.02 -4.62 -20.32
C GLU A 53 -18.35 -5.03 -20.96
N LEU A 54 -18.52 -4.71 -22.24
CA LEU A 54 -19.81 -4.91 -22.91
C LEU A 54 -20.28 -6.37 -22.88
N ALA A 55 -19.36 -7.30 -23.10
CA ALA A 55 -19.72 -8.70 -23.27
C ALA A 55 -20.10 -9.39 -21.96
N THR A 56 -19.71 -8.80 -20.82
CA THR A 56 -19.88 -9.45 -19.52
C THR A 56 -20.61 -8.57 -18.50
N SER A 57 -20.69 -7.28 -18.79
CA SER A 57 -21.25 -6.28 -17.88
C SER A 57 -20.44 -6.09 -16.59
N ARG A 58 -19.24 -6.65 -16.55
CA ARG A 58 -18.38 -6.48 -15.39
C ARG A 58 -17.76 -5.08 -15.35
N GLU A 59 -17.56 -4.56 -14.14
CA GLU A 59 -16.92 -3.27 -13.92
C GLU A 59 -15.43 -3.45 -13.65
N TYR A 60 -14.60 -2.60 -14.24
CA TYR A 60 -13.16 -2.57 -13.96
C TYR A 60 -12.70 -1.13 -13.79
N ALA A 61 -11.65 -0.96 -13.01
CA ALA A 61 -10.91 0.29 -13.04
C ALA A 61 -9.80 0.05 -14.05
N ILE A 62 -9.80 0.81 -15.15
CA ILE A 62 -8.79 0.64 -16.17
C ILE A 62 -7.78 1.77 -16.09
N LYS A 63 -6.52 1.43 -15.83
CA LYS A 63 -5.46 2.42 -15.78
C LYS A 63 -4.83 2.57 -17.16
N ILE A 64 -4.78 3.80 -17.66
CA ILE A 64 -4.43 4.06 -19.04
C ILE A 64 -3.22 4.97 -19.10
N LEU A 65 -2.20 4.56 -19.87
CA LEU A 65 -0.99 5.36 -20.00
C LEU A 65 -0.71 5.66 -21.47
N GLU A 66 -0.29 6.90 -21.74
CA GLU A 66 0.09 7.31 -23.09
C GLU A 66 1.50 6.82 -23.38
N LYS A 67 1.65 6.04 -24.44
CA LYS A 67 2.95 5.50 -24.81
C LYS A 67 3.97 6.61 -25.02
N ARG A 68 3.56 7.68 -25.70
CA ARG A 68 4.45 8.79 -25.99
C ARG A 68 5.02 9.35 -24.69
N HIS A 69 4.14 9.57 -23.72
CA HIS A 69 4.54 10.17 -22.45
C HIS A 69 5.44 9.24 -21.62
N ILE A 70 5.16 7.93 -21.66
CA ILE A 70 5.96 6.97 -20.91
C ILE A 70 7.37 6.89 -21.45
N ILE A 71 7.50 6.83 -22.77
CA ILE A 71 8.80 6.74 -23.42
C ILE A 71 9.58 8.02 -23.19
N LYS A 72 8.98 9.14 -23.54
CA LYS A 72 9.65 10.43 -23.42
C LYS A 72 10.12 10.72 -22.00
N GLU A 73 9.35 10.27 -21.01
CA GLU A 73 9.61 10.65 -19.62
C GLU A 73 10.24 9.54 -18.78
N ASN A 74 10.81 8.54 -19.44
CA ASN A 74 11.60 7.52 -18.75
C ASN A 74 10.80 6.69 -17.75
N LYS A 75 9.54 6.41 -18.07
CA LYS A 75 8.69 5.65 -17.16
C LYS A 75 8.52 4.19 -17.57
N VAL A 76 9.18 3.76 -18.63
CA VAL A 76 9.01 2.39 -19.11
C VAL A 76 9.31 1.34 -18.03
N PRO A 77 10.38 1.54 -17.25
CA PRO A 77 10.71 0.54 -16.23
C PRO A 77 9.64 0.42 -15.15
N TYR A 78 8.98 1.53 -14.83
CA TYR A 78 7.93 1.51 -13.82
C TYR A 78 6.70 0.77 -14.32
N VAL A 79 6.37 0.94 -15.60
CA VAL A 79 5.19 0.28 -16.15
C VAL A 79 5.42 -1.23 -16.23
N THR A 80 6.59 -1.63 -16.69
CA THR A 80 6.97 -3.03 -16.76
C THR A 80 6.99 -3.64 -15.36
N ARG A 81 7.57 -2.91 -14.41
CA ARG A 81 7.63 -3.34 -13.02
C ARG A 81 6.22 -3.58 -12.49
N GLU A 82 5.33 -2.62 -12.70
CA GLU A 82 3.97 -2.73 -12.18
C GLU A 82 3.27 -3.96 -12.74
N ARG A 83 3.43 -4.22 -14.03
CA ARG A 83 2.78 -5.36 -14.65
C ARG A 83 3.33 -6.66 -14.05
N ASP A 84 4.65 -6.75 -13.94
CA ASP A 84 5.31 -7.95 -13.42
C ASP A 84 4.90 -8.26 -11.99
N VAL A 85 4.97 -7.26 -11.12
CA VAL A 85 4.64 -7.45 -9.71
C VAL A 85 3.17 -7.84 -9.55
N MET A 86 2.27 -7.10 -10.18
CA MET A 86 0.84 -7.37 -10.02
C MET A 86 0.46 -8.75 -10.56
N SER A 87 1.17 -9.22 -11.58
CA SER A 87 0.87 -10.52 -12.17
CA SER A 87 0.88 -10.53 -12.17
C SER A 87 1.16 -11.64 -11.18
N ARG A 88 1.98 -11.34 -10.16
CA ARG A 88 2.35 -12.35 -9.18
C ARG A 88 1.39 -12.39 -7.99
N LEU A 89 0.50 -11.42 -7.90
CA LEU A 89 -0.32 -11.24 -6.71
C LEU A 89 -1.67 -11.92 -6.85
N ASP A 90 -2.06 -12.63 -5.80
CA ASP A 90 -3.29 -13.41 -5.79
C ASP A 90 -3.83 -13.48 -4.37
N HIS A 91 -4.16 -12.33 -3.81
CA HIS A 91 -4.59 -12.23 -2.41
C HIS A 91 -5.72 -11.20 -2.31
N PRO A 92 -6.70 -11.45 -1.45
CA PRO A 92 -7.87 -10.56 -1.35
C PRO A 92 -7.59 -9.10 -0.96
N PHE A 93 -6.47 -8.81 -0.29
CA PHE A 93 -6.20 -7.45 0.16
C PHE A 93 -5.37 -6.65 -0.83
N PHE A 94 -5.31 -7.10 -2.07
CA PHE A 94 -4.56 -6.37 -3.10
C PHE A 94 -5.43 -6.16 -4.32
N VAL A 95 -5.29 -5.00 -4.97
CA VAL A 95 -5.94 -4.77 -6.25
C VAL A 95 -5.46 -5.86 -7.19
N LYS A 96 -6.38 -6.41 -7.98
CA LYS A 96 -6.06 -7.49 -8.89
C LYS A 96 -5.88 -6.94 -10.31
N LEU A 97 -4.85 -7.43 -10.99
CA LEU A 97 -4.68 -7.17 -12.41
C LEU A 97 -5.28 -8.31 -13.22
N TYR A 98 -6.37 -8.03 -13.93
CA TYR A 98 -7.09 -9.04 -14.69
C TYR A 98 -6.59 -9.24 -16.11
N PHE A 99 -6.16 -8.16 -16.75
CA PHE A 99 -5.71 -8.24 -18.14
C PHE A 99 -4.97 -6.96 -18.52
N THR A 100 -4.22 -7.03 -19.60
CA THR A 100 -3.58 -5.85 -20.15
C THR A 100 -3.78 -5.85 -21.66
N PHE A 101 -3.80 -4.66 -22.27
CA PHE A 101 -3.78 -4.58 -23.73
C PHE A 101 -3.25 -3.23 -24.18
N GLN A 102 -3.15 -3.04 -25.48
CA GLN A 102 -2.53 -1.82 -26.00
C GLN A 102 -3.11 -1.51 -27.36
N ASP A 103 -3.11 -0.23 -27.72
CA ASP A 103 -3.34 0.18 -29.10
C ASP A 103 -2.16 1.05 -29.52
N ASP A 104 -2.34 1.84 -30.59
CA ASP A 104 -1.23 2.62 -31.12
C ASP A 104 -0.69 3.65 -30.14
N GLU A 105 -1.60 4.25 -29.35
CA GLU A 105 -1.23 5.39 -28.51
C GLU A 105 -1.11 5.06 -27.02
N LYS A 106 -1.67 3.93 -26.59
CA LYS A 106 -1.88 3.69 -25.16
C LYS A 106 -1.66 2.27 -24.67
N LEU A 107 -1.37 2.17 -23.38
CA LEU A 107 -1.33 0.91 -22.66
C LEU A 107 -2.49 0.91 -21.67
N TYR A 108 -3.09 -0.26 -21.46
CA TYR A 108 -4.26 -0.38 -20.58
C TYR A 108 -4.09 -1.52 -19.59
N PHE A 109 -4.27 -1.21 -18.31
CA PHE A 109 -4.27 -2.20 -17.24
C PHE A 109 -5.70 -2.37 -16.76
N GLY A 110 -6.23 -3.57 -16.83
CA GLY A 110 -7.55 -3.83 -16.29
C GLY A 110 -7.47 -4.30 -14.86
N LEU A 111 -8.01 -3.48 -13.94
CA LEU A 111 -7.85 -3.72 -12.51
C LEU A 111 -9.20 -3.88 -11.80
N SER A 112 -9.19 -4.51 -10.63
CA SER A 112 -10.41 -4.55 -9.81
C SER A 112 -10.75 -3.13 -9.37
N TYR A 113 -12.04 -2.85 -9.29
CA TYR A 113 -12.52 -1.51 -8.96
C TYR A 113 -12.73 -1.43 -7.45
N ALA A 114 -12.00 -0.52 -6.81
CA ALA A 114 -12.17 -0.28 -5.37
C ALA A 114 -13.12 0.90 -5.23
N LYS A 115 -14.40 0.59 -5.06
CA LYS A 115 -15.46 1.58 -5.16
CA LYS A 115 -15.47 1.57 -5.15
C LYS A 115 -15.42 2.65 -4.06
N ASN A 116 -14.80 2.35 -2.94
CA ASN A 116 -14.79 3.31 -1.82
C ASN A 116 -13.53 4.16 -1.69
N GLY A 117 -12.64 4.07 -2.68
CA GLY A 117 -11.53 5.01 -2.80
C GLY A 117 -10.40 4.80 -1.80
N GLU A 118 -9.64 5.87 -1.57
CA GLU A 118 -8.43 5.82 -0.76
C GLU A 118 -8.76 5.89 0.72
N LEU A 119 -7.98 5.17 1.52
CA LEU A 119 -8.13 5.22 2.96
C LEU A 119 -7.88 6.64 3.48
N LEU A 120 -6.96 7.34 2.84
CA LEU A 120 -6.57 8.68 3.27
C LEU A 120 -7.78 9.59 3.42
N LYS A 121 -8.75 9.45 2.53
CA LYS A 121 -9.89 10.36 2.52
C LYS A 121 -10.70 10.21 3.81
N TYR A 122 -10.76 8.99 4.34
CA TYR A 122 -11.46 8.73 5.60
C TYR A 122 -10.69 9.28 6.78
N ILE A 123 -9.37 9.19 6.75
CA ILE A 123 -8.57 9.73 7.83
C ILE A 123 -8.77 11.25 7.89
N ARG A 124 -8.78 11.88 6.71
CA ARG A 124 -8.95 13.32 6.64
C ARG A 124 -10.33 13.75 7.18
N LYS A 125 -11.35 12.98 6.84
CA LYS A 125 -12.72 13.35 7.17
C LYS A 125 -13.00 13.16 8.67
N ILE A 126 -12.52 12.04 9.22
CA ILE A 126 -12.85 11.64 10.59
C ILE A 126 -11.82 12.12 11.62
N GLY A 127 -10.57 12.26 11.19
CA GLY A 127 -9.52 12.78 12.05
C GLY A 127 -8.80 11.75 12.90
N SER A 128 -9.56 10.83 13.49
CA SER A 128 -9.00 9.83 14.39
C SER A 128 -9.92 8.60 14.46
N PHE A 129 -9.42 7.46 14.01
CA PHE A 129 -10.16 6.20 14.11
C PHE A 129 -10.22 5.72 15.56
N ASP A 130 -11.33 5.11 15.96
CA ASP A 130 -11.43 4.52 17.30
C ASP A 130 -10.55 3.26 17.33
N GLU A 131 -10.42 2.61 18.49
CA GLU A 131 -9.45 1.53 18.60
C GLU A 131 -9.83 0.33 17.74
N THR A 132 -11.12 0.05 17.65
CA THR A 132 -11.55 -1.11 16.91
C THR A 132 -11.32 -0.92 15.40
N CYS A 133 -11.60 0.27 14.87
CA CYS A 133 -11.36 0.51 13.45
C CYS A 133 -9.87 0.56 13.17
N THR A 134 -9.11 1.16 14.08
CA THR A 134 -7.66 1.15 13.95
C THR A 134 -7.14 -0.28 13.89
N ARG A 135 -7.58 -1.11 14.83
CA ARG A 135 -7.12 -2.50 14.89
C ARG A 135 -7.52 -3.29 13.65
N PHE A 136 -8.74 -3.08 13.19
CA PHE A 136 -9.26 -3.82 12.05
C PHE A 136 -8.43 -3.54 10.79
N TYR A 137 -8.16 -2.27 10.52
CA TYR A 137 -7.41 -1.94 9.31
C TYR A 137 -5.93 -2.26 9.47
N THR A 138 -5.38 -2.08 10.68
CA THR A 138 -4.00 -2.46 10.93
C THR A 138 -3.85 -3.96 10.68
N ALA A 139 -4.81 -4.74 11.16
CA ALA A 139 -4.73 -6.19 11.03
C ALA A 139 -4.76 -6.59 9.55
N GLU A 140 -5.64 -5.97 8.78
CA GLU A 140 -5.69 -6.28 7.35
C GLU A 140 -4.38 -5.91 6.66
N ILE A 141 -3.79 -4.78 7.02
CA ILE A 141 -2.51 -4.40 6.42
C ILE A 141 -1.42 -5.40 6.81
N VAL A 142 -1.42 -5.84 8.06
CA VAL A 142 -0.43 -6.81 8.52
C VAL A 142 -0.57 -8.11 7.74
N SER A 143 -1.81 -8.54 7.55
CA SER A 143 -2.09 -9.76 6.81
CA SER A 143 -2.10 -9.76 6.80
C SER A 143 -1.59 -9.63 5.37
N ALA A 144 -1.85 -8.49 4.76
CA ALA A 144 -1.41 -8.23 3.40
C ALA A 144 0.11 -8.25 3.31
N LEU A 145 0.77 -7.57 4.26
CA LEU A 145 2.23 -7.53 4.26
C LEU A 145 2.83 -8.93 4.49
N GLU A 146 2.17 -9.74 5.32
CA GLU A 146 2.65 -11.11 5.56
C GLU A 146 2.71 -11.85 4.23
N TYR A 147 1.66 -11.71 3.43
CA TYR A 147 1.58 -12.36 2.13
C TYR A 147 2.65 -11.84 1.18
N LEU A 148 2.76 -10.51 1.09
CA LEU A 148 3.66 -9.88 0.13
C LEU A 148 5.12 -10.24 0.41
N HIS A 149 5.52 -10.12 1.67
CA HIS A 149 6.89 -10.44 2.07
C HIS A 149 7.16 -11.93 1.95
N GLY A 150 6.13 -12.74 2.11
CA GLY A 150 6.25 -14.18 1.92
C GLY A 150 6.57 -14.53 0.47
N LYS A 151 6.19 -13.65 -0.44
CA LYS A 151 6.50 -13.82 -1.86
C LYS A 151 7.82 -13.13 -2.23
N GLY A 152 8.49 -12.57 -1.24
CA GLY A 152 9.75 -11.89 -1.46
C GLY A 152 9.58 -10.56 -2.17
N ILE A 153 8.45 -9.89 -1.95
CA ILE A 153 8.20 -8.59 -2.57
C ILE A 153 8.15 -7.49 -1.50
N ILE A 154 8.84 -6.39 -1.76
CA ILE A 154 8.72 -5.18 -0.92
C ILE A 154 7.85 -4.17 -1.63
N HIS A 155 6.92 -3.53 -0.93
CA HIS A 155 6.08 -2.53 -1.54
C HIS A 155 6.84 -1.21 -1.76
N ARG A 156 7.42 -0.70 -0.67
CA ARG A 156 8.29 0.49 -0.63
C ARG A 156 7.59 1.87 -0.66
N ASP A 157 6.30 1.88 -0.95
CA ASP A 157 5.53 3.13 -0.93
C ASP A 157 4.16 2.92 -0.30
N LEU A 158 4.14 2.19 0.81
CA LEU A 158 2.93 1.96 1.56
C LEU A 158 2.52 3.25 2.26
N LYS A 159 1.28 3.67 2.01
CA LYS A 159 0.72 4.87 2.60
C LYS A 159 -0.80 4.86 2.42
N PRO A 160 -1.53 5.66 3.20
CA PRO A 160 -3.00 5.58 3.11
C PRO A 160 -3.55 5.87 1.72
N GLU A 161 -2.84 6.69 0.93
CA GLU A 161 -3.29 6.99 -0.42
C GLU A 161 -3.24 5.76 -1.31
N ASN A 162 -2.37 4.81 -0.95
CA ASN A 162 -2.20 3.59 -1.72
C ASN A 162 -2.95 2.40 -1.14
N ILE A 163 -3.77 2.66 -0.13
CA ILE A 163 -4.60 1.62 0.44
C ILE A 163 -6.04 1.96 0.09
N LEU A 164 -6.56 1.31 -0.93
CA LEU A 164 -7.93 1.57 -1.38
C LEU A 164 -8.91 0.71 -0.59
N LEU A 165 -10.20 0.98 -0.75
CA LEU A 165 -11.24 0.27 -0.01
C LEU A 165 -12.30 -0.22 -0.98
N ASN A 166 -12.62 -1.50 -0.92
CA ASN A 166 -13.64 -2.03 -1.83
C ASN A 166 -15.03 -1.75 -1.29
N GLU A 167 -16.05 -2.26 -1.97
CA GLU A 167 -17.43 -1.95 -1.63
C GLU A 167 -17.80 -2.43 -0.23
N ASP A 168 -17.12 -3.47 0.25
CA ASP A 168 -17.35 -4.00 1.59
C ASP A 168 -16.44 -3.38 2.64
N MET A 169 -15.63 -2.40 2.21
CA MET A 169 -14.74 -1.66 3.09
C MET A 169 -13.54 -2.48 3.56
N HIS A 170 -13.23 -3.57 2.87
CA HIS A 170 -11.94 -4.24 3.08
C HIS A 170 -10.88 -3.53 2.24
N ILE A 171 -9.62 -3.62 2.66
CA ILE A 171 -8.53 -2.96 1.94
C ILE A 171 -8.18 -3.62 0.61
N GLN A 172 -7.67 -2.80 -0.30
CA GLN A 172 -7.16 -3.22 -1.59
C GLN A 172 -5.89 -2.40 -1.82
N ILE A 173 -4.73 -2.97 -1.55
CA ILE A 173 -3.48 -2.23 -1.67
C ILE A 173 -3.11 -2.10 -3.15
N THR A 174 -2.59 -0.94 -3.53
CA THR A 174 -2.32 -0.63 -4.93
C THR A 174 -0.95 0.02 -5.09
N ASP A 175 -0.61 0.37 -6.33
CA ASP A 175 0.61 1.16 -6.64
C ASP A 175 1.89 0.31 -6.55
N PHE A 176 2.09 -0.57 -7.52
CA PHE A 176 3.20 -1.51 -7.47
C PHE A 176 4.31 -1.23 -8.46
N GLY A 177 4.22 -0.07 -9.12
CA GLY A 177 5.25 0.33 -10.06
C GLY A 177 6.60 0.58 -9.39
N THR A 178 6.59 0.83 -8.09
CA THR A 178 7.84 1.05 -7.36
C THR A 178 8.08 -0.04 -6.32
N ALA A 179 7.35 -1.14 -6.45
CA ALA A 179 7.59 -2.32 -5.64
C ALA A 179 8.82 -3.05 -6.18
N LYS A 180 9.33 -4.01 -5.42
CA LYS A 180 10.55 -4.70 -5.81
C LYS A 180 10.43 -6.20 -5.56
N VAL A 181 10.68 -7.00 -6.58
CA VAL A 181 10.72 -8.44 -6.38
C VAL A 181 12.15 -8.81 -6.04
N LEU A 182 12.36 -9.24 -4.79
CA LEU A 182 13.67 -9.66 -4.33
C LEU A 182 14.00 -11.01 -4.93
N SER A 183 15.25 -11.16 -5.40
CA SER A 183 15.62 -12.37 -6.10
C SER A 183 15.92 -13.51 -5.13
N PRO A 184 15.15 -14.61 -5.23
CA PRO A 184 15.44 -15.76 -4.38
C PRO A 184 16.76 -16.43 -4.76
N GLU A 185 17.14 -16.30 -6.04
CA GLU A 185 18.36 -16.92 -6.56
C GLU A 185 19.59 -16.41 -5.82
N SER A 186 19.60 -15.13 -5.49
CA SER A 186 20.76 -14.54 -4.82
C SER A 186 20.47 -14.27 -3.35
N LYS A 187 19.31 -14.71 -2.87
CA LYS A 187 18.93 -14.51 -1.49
C LYS A 187 18.97 -13.02 -1.16
N GLN A 188 18.51 -12.22 -2.13
CA GLN A 188 18.50 -10.76 -2.00
C GLN A 188 17.62 -10.35 -0.83
N ALA A 189 18.10 -9.37 -0.06
CA ALA A 189 17.36 -8.82 1.06
C ALA A 189 17.26 -7.30 0.92
N ARG A 190 18.19 -6.71 0.18
CA ARG A 190 18.26 -5.25 0.02
C ARG A 190 18.04 -4.83 -1.43
N ALA A 191 17.38 -3.68 -1.60
CA ALA A 191 17.13 -3.10 -2.92
C ALA A 191 17.66 -1.66 -2.96
N ASN A 192 18.17 -1.22 -4.11
CA ASN A 192 18.90 0.04 -4.17
C ASN A 192 18.19 1.22 -4.83
N PHE A 194 15.82 4.36 -5.24
CA PHE A 194 15.28 5.34 -4.31
C PHE A 194 13.84 5.63 -4.71
N VAL A 195 12.92 5.16 -3.89
CA VAL A 195 11.51 5.33 -4.15
C VAL A 195 10.79 5.53 -2.83
N GLY A 196 9.57 6.06 -2.89
CA GLY A 196 8.75 6.19 -1.70
C GLY A 196 8.14 7.57 -1.57
N THR A 197 7.64 7.86 -0.37
CA THR A 197 6.98 9.13 -0.08
C THR A 197 7.58 9.62 1.24
N ALA A 198 8.00 10.88 1.29
CA ALA A 198 8.79 11.37 2.41
C ALA A 198 8.22 11.01 3.79
N GLN A 199 6.92 11.21 4.02
CA GLN A 199 6.36 10.99 5.35
C GLN A 199 6.52 9.55 5.81
N TYR A 200 6.63 8.63 4.87
CA TYR A 200 6.59 7.20 5.20
C TYR A 200 7.89 6.49 4.92
N VAL A 201 8.87 7.21 4.39
CA VAL A 201 10.11 6.59 3.96
C VAL A 201 10.95 6.16 5.17
N SER A 202 11.68 5.06 5.03
CA SER A 202 12.42 4.49 6.15
C SER A 202 13.81 5.10 6.32
N PRO A 203 14.33 5.08 7.56
CA PRO A 203 15.66 5.64 7.83
C PRO A 203 16.77 4.91 7.07
N GLU A 204 16.63 3.61 6.87
CA GLU A 204 17.68 2.87 6.19
C GLU A 204 17.80 3.36 4.75
N LEU A 205 16.70 3.73 4.13
CA LEU A 205 16.75 4.23 2.75
C LEU A 205 17.49 5.57 2.72
N LEU A 206 17.23 6.42 3.71
CA LEU A 206 17.87 7.73 3.79
C LEU A 206 19.37 7.66 4.16
N THR A 207 19.78 6.67 4.94
CA THR A 207 21.15 6.65 5.46
C THR A 207 22.04 5.59 4.81
N GLU A 208 21.51 4.39 4.57
CA GLU A 208 22.27 3.34 3.89
C GLU A 208 21.96 3.27 2.39
N LYS A 209 20.95 4.03 1.97
CA LYS A 209 20.53 4.08 0.57
C LYS A 209 20.04 2.72 0.07
N SER A 210 19.44 1.93 0.96
CA SER A 210 18.79 0.68 0.58
C SER A 210 17.48 0.47 1.36
N ALA A 211 16.55 -0.25 0.75
CA ALA A 211 15.32 -0.63 1.43
C ALA A 211 15.27 -2.15 1.54
N LYS A 213 12.48 -5.64 3.31
CA LYS A 213 11.12 -5.93 3.71
C LYS A 213 10.75 -5.09 4.94
N SER A 214 11.70 -4.93 5.86
CA SER A 214 11.43 -4.23 7.11
C SER A 214 11.07 -2.76 6.87
N SER A 215 11.49 -2.21 5.73
CA SER A 215 11.12 -0.82 5.39
C SER A 215 9.60 -0.66 5.32
N ASP A 216 8.90 -1.69 4.86
CA ASP A 216 7.43 -1.68 4.84
C ASP A 216 6.86 -1.66 6.26
N LEU A 217 7.57 -2.29 7.19
CA LEU A 217 7.10 -2.33 8.58
C LEU A 217 7.25 -0.95 9.24
N TRP A 218 8.27 -0.20 8.84
CA TRP A 218 8.40 1.18 9.27
C TRP A 218 7.18 1.99 8.78
N ALA A 219 6.86 1.85 7.50
CA ALA A 219 5.67 2.52 6.96
C ALA A 219 4.39 2.08 7.72
N LEU A 220 4.30 0.80 8.03
CA LEU A 220 3.16 0.30 8.81
C LEU A 220 3.01 1.07 10.12
N GLY A 221 4.12 1.26 10.83
CA GLY A 221 4.12 2.02 12.07
C GLY A 221 3.65 3.45 11.89
N CYS A 222 4.08 4.09 10.81
CA CYS A 222 3.63 5.44 10.47
C CYS A 222 2.12 5.47 10.23
N ILE A 223 1.62 4.44 9.56
CA ILE A 223 0.19 4.38 9.23
C ILE A 223 -0.68 4.14 10.46
N ILE A 224 -0.27 3.23 11.34
CA ILE A 224 -1.01 2.98 12.59
C ILE A 224 -1.11 4.28 13.37
N TYR A 225 0.03 4.95 13.50
CA TYR A 225 0.11 6.23 14.18
C TYR A 225 -0.88 7.21 13.57
N GLN A 226 -0.89 7.28 12.24
CA GLN A 226 -1.75 8.25 11.55
C GLN A 226 -3.25 7.95 11.71
N LEU A 227 -3.61 6.67 11.80
CA LEU A 227 -5.03 6.32 11.95
C LEU A 227 -5.58 6.90 13.25
N VAL A 228 -4.73 6.98 14.28
CA VAL A 228 -5.16 7.45 15.58
C VAL A 228 -4.92 8.96 15.77
N ALA A 229 -3.83 9.46 15.18
CA ALA A 229 -3.37 10.83 15.44
C ALA A 229 -3.73 11.83 14.34
N GLY A 230 -4.29 11.34 13.24
CA GLY A 230 -4.71 12.21 12.15
C GLY A 230 -3.59 12.53 11.17
N LEU A 231 -2.42 12.85 11.71
CA LEU A 231 -1.25 13.14 10.88
C LEU A 231 -0.18 12.11 11.20
N PRO A 232 0.65 11.76 10.20
CA PRO A 232 1.73 10.80 10.41
C PRO A 232 2.77 11.36 11.39
N PRO A 233 3.69 10.51 11.88
CA PRO A 233 4.50 10.90 13.04
C PRO A 233 5.58 11.95 12.78
N PHE A 234 6.19 11.91 11.60
CA PHE A 234 7.27 12.82 11.29
C PHE A 234 6.72 13.97 10.47
N ARG A 235 6.60 15.11 11.15
CA ARG A 235 5.76 16.19 10.66
C ARG A 235 6.56 17.43 10.30
N ALA A 236 6.47 17.83 9.04
CA ALA A 236 7.07 19.07 8.56
C ALA A 236 6.51 19.40 7.19
N GLY A 237 6.75 20.61 6.73
CA GLY A 237 6.08 21.14 5.56
C GLY A 237 6.79 20.87 4.25
N ASN A 238 7.95 20.21 4.30
CA ASN A 238 8.58 19.78 3.07
C ASN A 238 9.44 18.53 3.27
N GLU A 239 9.89 17.94 2.17
CA GLU A 239 10.53 16.63 2.22
C GLU A 239 11.81 16.63 3.03
N GLY A 240 12.65 17.63 2.83
CA GLY A 240 13.93 17.69 3.49
C GLY A 240 13.82 17.76 5.01
N LEU A 241 12.90 18.59 5.49
CA LEU A 241 12.67 18.71 6.92
C LEU A 241 12.19 17.39 7.51
N ILE A 242 11.37 16.67 6.75
CA ILE A 242 10.88 15.38 7.19
C ILE A 242 12.03 14.36 7.26
N PHE A 243 12.87 14.34 6.23
CA PHE A 243 14.01 13.43 6.21
C PHE A 243 14.84 13.60 7.48
N ALA A 244 15.12 14.85 7.86
CA ALA A 244 15.90 15.14 9.05
C ALA A 244 15.25 14.57 10.32
N LYS A 245 13.93 14.67 10.43
CA LYS A 245 13.24 14.13 11.61
C LYS A 245 13.28 12.60 11.66
N ILE A 246 13.08 11.96 10.52
CA ILE A 246 13.08 10.50 10.46
C ILE A 246 14.38 9.92 11.01
N ILE A 247 15.52 10.43 10.56
CA ILE A 247 16.80 9.83 10.94
C ILE A 247 17.13 10.06 12.41
N LYS A 248 16.45 11.00 13.04
CA LYS A 248 16.63 11.26 14.46
C LYS A 248 15.49 10.68 15.29
N LEU A 249 14.59 9.96 14.62
CA LEU A 249 13.42 9.41 15.29
C LEU A 249 12.72 10.50 16.10
N GLU A 250 12.53 11.66 15.49
CA GLU A 250 11.95 12.80 16.19
C GLU A 250 10.44 12.82 16.03
N TYR A 251 9.74 12.25 17.01
CA TYR A 251 8.29 12.26 17.03
C TYR A 251 7.84 11.96 18.46
N ASP A 252 6.57 12.18 18.74
CA ASP A 252 6.00 11.80 20.03
C ASP A 252 4.52 11.46 19.85
N PHE A 253 3.89 10.97 20.90
CA PHE A 253 2.50 10.54 20.82
C PHE A 253 1.57 11.60 21.43
N PRO A 254 0.42 11.83 20.77
CA PRO A 254 -0.61 12.70 21.35
C PRO A 254 -1.24 12.01 22.56
N GLU A 255 -1.93 12.79 23.39
CA GLU A 255 -2.65 12.21 24.52
C GLU A 255 -3.73 11.24 24.06
N LYS A 256 -4.04 10.28 24.92
CA LYS A 256 -5.09 9.28 24.67
C LYS A 256 -4.79 8.32 23.52
N PHE A 257 -3.56 8.31 23.02
CA PHE A 257 -3.17 7.31 22.04
C PHE A 257 -3.31 5.94 22.71
N PHE A 258 -4.11 5.04 22.12
CA PHE A 258 -4.39 3.75 22.74
C PHE A 258 -3.09 3.06 23.13
N PRO A 259 -2.93 2.72 24.42
CA PRO A 259 -1.66 2.19 24.95
C PRO A 259 -1.13 0.97 24.21
N LYS A 260 -1.98 0.00 23.88
CA LYS A 260 -1.50 -1.18 23.16
C LYS A 260 -1.04 -0.78 21.75
N ALA A 261 -1.71 0.19 21.14
CA ALA A 261 -1.28 0.71 19.84
C ALA A 261 0.05 1.44 19.95
N ARG A 262 0.21 2.21 21.03
CA ARG A 262 1.45 2.95 21.21
C ARG A 262 2.62 1.98 21.32
N ASP A 263 2.44 0.93 22.11
CA ASP A 263 3.49 -0.06 22.27
C ASP A 263 3.87 -0.67 20.91
N LEU A 264 2.86 -1.00 20.11
CA LEU A 264 3.12 -1.58 18.80
C LEU A 264 3.91 -0.60 17.93
N VAL A 265 3.45 0.64 17.86
CA VAL A 265 4.15 1.65 17.08
C VAL A 265 5.62 1.78 17.51
N GLU A 266 5.87 1.76 18.82
CA GLU A 266 7.24 1.89 19.31
C GLU A 266 8.10 0.67 18.95
N LYS A 267 7.46 -0.45 18.64
CA LYS A 267 8.19 -1.64 18.22
C LYS A 267 8.37 -1.71 16.69
N LEU A 268 7.74 -0.78 15.96
CA LEU A 268 7.88 -0.72 14.51
C LEU A 268 8.78 0.45 14.08
N LEU A 269 8.60 1.59 14.72
CA LEU A 269 9.40 2.78 14.42
C LEU A 269 10.70 2.71 15.20
N VAL A 270 11.55 1.79 14.77
CA VAL A 270 12.85 1.57 15.36
C VAL A 270 13.88 1.81 14.27
N LEU A 271 14.88 2.64 14.55
CA LEU A 271 15.84 3.00 13.52
C LEU A 271 16.54 1.77 12.94
N ASP A 272 16.92 0.83 13.79
CA ASP A 272 17.57 -0.41 13.35
C ASP A 272 16.54 -1.32 12.70
N ALA A 273 16.63 -1.49 11.39
CA ALA A 273 15.64 -2.24 10.63
C ALA A 273 15.60 -3.73 11.00
N THR A 274 16.66 -4.23 11.63
CA THR A 274 16.70 -5.63 12.03
C THR A 274 16.04 -5.87 13.40
N LYS A 275 15.52 -4.79 14.00
CA LYS A 275 14.91 -4.90 15.32
C LYS A 275 13.41 -4.58 15.32
N ARG A 276 12.80 -4.48 14.15
CA ARG A 276 11.37 -4.15 14.05
C ARG A 276 10.52 -5.40 14.18
N LEU A 277 9.46 -5.31 14.97
CA LEU A 277 8.56 -6.45 15.17
C LEU A 277 7.95 -6.83 13.81
N GLY A 278 8.10 -8.09 13.43
CA GLY A 278 7.65 -8.53 12.11
C GLY A 278 8.79 -8.74 11.10
N CYS A 279 9.98 -8.22 11.37
CA CYS A 279 11.07 -8.35 10.40
C CYS A 279 11.70 -9.74 10.50
N GLU A 280 12.42 -10.14 9.46
CA GLU A 280 12.96 -11.49 9.38
C GLU A 280 13.88 -11.80 10.56
N GLU A 281 14.73 -10.84 10.93
CA GLU A 281 15.68 -11.05 12.03
C GLU A 281 14.96 -11.16 13.38
N MET A 282 13.73 -10.66 13.45
CA MET A 282 12.92 -10.81 14.66
C MET A 282 11.97 -12.01 14.53
N GLU A 283 12.24 -12.86 13.54
CA GLU A 283 11.52 -14.11 13.32
C GLU A 283 10.11 -13.94 12.73
N GLY A 284 9.90 -12.85 12.01
CA GLY A 284 8.77 -12.75 11.10
C GLY A 284 7.43 -12.36 11.71
N TYR A 285 6.37 -12.77 11.04
CA TYR A 285 5.04 -12.25 11.34
C TYR A 285 4.38 -12.91 12.54
N GLY A 286 4.87 -14.07 12.96
CA GLY A 286 4.30 -14.75 14.11
C GLY A 286 4.28 -13.87 15.35
N PRO A 287 5.46 -13.34 15.74
CA PRO A 287 5.51 -12.46 16.91
C PRO A 287 4.72 -11.16 16.71
N LEU A 288 4.66 -10.65 15.49
CA LEU A 288 3.89 -9.43 15.22
C LEU A 288 2.39 -9.67 15.44
N LYS A 289 1.87 -10.75 14.87
CA LYS A 289 0.46 -11.07 15.00
C LYS A 289 0.11 -11.43 16.43
N ALA A 290 1.11 -11.84 17.21
CA ALA A 290 0.92 -12.18 18.61
C ALA A 290 0.94 -10.96 19.54
N HIS A 291 1.22 -9.78 19.00
CA HIS A 291 1.26 -8.58 19.84
C HIS A 291 -0.10 -8.38 20.51
N PRO A 292 -0.11 -7.93 21.78
CA PRO A 292 -1.35 -7.73 22.55
C PRO A 292 -2.40 -6.87 21.84
N PHE A 293 -1.96 -5.93 21.00
CA PHE A 293 -2.88 -5.08 20.26
C PHE A 293 -3.87 -5.92 19.43
N PHE A 294 -3.42 -7.08 18.95
CA PHE A 294 -4.25 -7.93 18.11
C PHE A 294 -4.88 -9.09 18.88
N GLU A 295 -4.94 -8.98 20.20
CA GLU A 295 -5.43 -10.08 21.04
C GLU A 295 -6.76 -10.63 20.53
N SER A 296 -7.67 -9.73 20.17
CA SER A 296 -9.03 -10.12 19.79
C SER A 296 -9.18 -10.58 18.34
N VAL A 297 -8.10 -10.51 17.56
CA VAL A 297 -8.16 -10.74 16.12
C VAL A 297 -8.14 -12.21 15.72
N THR A 298 -9.10 -12.58 14.86
CA THR A 298 -9.06 -13.88 14.22
C THR A 298 -8.48 -13.72 12.83
N TRP A 299 -7.21 -14.10 12.66
CA TRP A 299 -6.47 -13.82 11.45
C TRP A 299 -6.97 -14.59 10.23
N GLU A 300 -7.53 -15.77 10.47
CA GLU A 300 -8.04 -16.60 9.39
C GLU A 300 -9.35 -16.01 8.84
N ASN A 301 -9.53 -16.08 7.53
CA ASN A 301 -10.72 -15.52 6.89
C ASN A 301 -11.01 -14.08 7.32
N LEU A 302 -9.95 -13.29 7.48
CA LEU A 302 -10.10 -11.89 7.85
C LEU A 302 -10.89 -11.14 6.78
N HIS A 303 -10.74 -11.56 5.53
CA HIS A 303 -11.37 -10.86 4.42
C HIS A 303 -12.87 -11.17 4.30
N GLN A 304 -13.35 -12.13 5.10
CA GLN A 304 -14.76 -12.52 5.07
C GLN A 304 -15.52 -11.95 6.26
N GLN A 305 -14.80 -11.35 7.20
CA GLN A 305 -15.42 -10.73 8.37
C GLN A 305 -16.04 -9.38 7.99
N THR A 306 -17.15 -9.04 8.66
CA THR A 306 -17.80 -7.75 8.42
C THR A 306 -17.01 -6.66 9.14
N PRO A 307 -16.51 -5.66 8.40
CA PRO A 307 -15.67 -4.60 8.96
C PRO A 307 -16.44 -3.64 9.84
N PRO A 308 -15.84 -3.20 10.96
CA PRO A 308 -16.51 -2.20 11.80
C PRO A 308 -16.73 -0.91 11.02
N LYS A 309 -17.76 -0.15 11.37
CA LYS A 309 -18.10 1.07 10.64
C LYS A 309 -17.18 2.24 10.99
N LEU A 310 -16.62 2.88 9.97
CA LEU A 310 -15.79 4.08 10.16
C LEU A 310 -16.65 5.21 10.73
N THR A 311 -17.61 5.68 9.93
CA THR A 311 -18.55 6.70 10.40
#